data_7LW7
#
_entry.id   7LW7
#
_cell.length_a   50.818
_cell.length_b   83.836
_cell.length_c   95.965
_cell.angle_alpha   90.000
_cell.angle_beta   90.000
_cell.angle_gamma   90.000
#
_symmetry.space_group_name_H-M   'P 2 21 21'
#
loop_
_entity.id
_entity.type
_entity.pdbx_description
1 polymer 'Exonuclease V'
2 non-polymer GLYCEROL
3 non-polymer 'IRON/SULFUR CLUSTER'
4 non-polymer 1,2-ETHANEDIOL
5 water water
#
_entity_poly.entity_id   1
_entity_poly.type   'polypeptide(L)'
_entity_poly.pdbx_seq_one_letter_code
;SNALEDAQESKALVNMPGPSSESLGKDDKPISLQNWKRGLDILSPMERFHLKYLYVTDLATQNWCELQTAYGKELPGFLA
PEKAAVLDTGASIHLARELELHDLVTVPVTTKEDAWAIKFLNILLLIPTLQSEGHIREFPVFGEVEGVLLVGVIDELHYT
AKGELELAELKTRRRPMLPLEAQKKKDCFQVSLYKYIFDAMVQGKVTPASLIHHTKLCLEKPLGPSVLRHAQQGGFSVKS
LGDLMELVFLSLTLSDLPVIDILKIEYIHQETATVLGTEIVAFKEKEVRAKVQHYMAYWMGHREPQGVDVEEAWKCRTCT
YADICEWRKGSGVLSSTLAPQVKKAK
;
_entity_poly.pdbx_strand_id   A
#
# COMPACT_ATOMS: atom_id res chain seq x y z
N ILE A 42 11.60 10.10 -24.15
CA ILE A 42 11.25 8.70 -24.33
C ILE A 42 10.74 8.13 -23.00
N LEU A 43 10.07 6.98 -23.08
CA LEU A 43 9.19 6.49 -22.02
C LEU A 43 9.84 6.52 -20.64
N SER A 44 9.02 6.85 -19.64
CA SER A 44 9.32 6.73 -18.21
C SER A 44 9.06 5.30 -17.76
N PRO A 45 9.60 4.91 -16.60
CA PRO A 45 9.35 3.54 -16.11
C PRO A 45 7.88 3.20 -15.96
N MET A 46 7.03 4.16 -15.57
CA MET A 46 5.60 3.88 -15.48
C MET A 46 5.03 3.53 -16.85
N GLU A 47 5.40 4.27 -17.88
CA GLU A 47 4.91 3.98 -19.23
C GLU A 47 5.56 2.71 -19.79
N ARG A 48 6.86 2.55 -19.56
CA ARG A 48 7.58 1.41 -20.13
C ARG A 48 7.07 0.10 -19.55
N PHE A 49 6.77 0.07 -18.26
CA PHE A 49 6.28 -1.14 -17.59
C PHE A 49 4.77 -1.24 -17.57
N HIS A 50 4.07 -0.29 -18.19
CA HIS A 50 2.60 -0.29 -18.29
C HIS A 50 1.97 -0.36 -16.89
N LEU A 51 2.32 0.62 -16.07
CA LEU A 51 1.82 0.73 -14.70
C LEU A 51 0.93 1.95 -14.59
N LYS A 52 -0.34 1.73 -14.25
CA LYS A 52 -1.24 2.84 -13.97
C LYS A 52 -1.05 3.41 -12.58
N TYR A 53 -0.49 2.62 -11.66
CA TYR A 53 -0.26 3.06 -10.29
C TYR A 53 0.76 2.13 -9.66
N LEU A 54 1.11 2.42 -8.40
CA LEU A 54 2.10 1.64 -7.68
C LEU A 54 1.53 1.16 -6.36
N TYR A 55 2.10 0.08 -5.85
CA TYR A 55 1.72 -0.47 -4.56
C TYR A 55 2.68 0.03 -3.48
N VAL A 56 2.19 0.07 -2.24
CA VAL A 56 3.02 0.53 -1.13
C VAL A 56 4.28 -0.33 -1.01
N THR A 57 4.13 -1.65 -1.17
CA THR A 57 5.28 -2.54 -1.07
C THR A 57 6.32 -2.27 -2.15
N ASP A 58 5.88 -1.78 -3.32
CA ASP A 58 6.84 -1.41 -4.36
C ASP A 58 7.82 -0.36 -3.85
N LEU A 59 7.32 0.64 -3.11
CA LEU A 59 8.20 1.65 -2.54
C LEU A 59 8.98 1.12 -1.33
N ALA A 60 8.43 0.12 -0.63
CA ALA A 60 9.17 -0.50 0.46
C ALA A 60 10.37 -1.26 -0.06
N THR A 61 10.19 -2.08 -1.11
CA THR A 61 11.31 -2.77 -1.71
C THR A 61 12.24 -1.81 -2.45
N GLN A 62 11.71 -0.67 -2.91
CA GLN A 62 12.58 0.36 -3.46
C GLN A 62 13.53 0.90 -2.41
N ASN A 63 13.11 0.90 -1.14
CA ASN A 63 14.00 1.28 -0.06
C ASN A 63 15.08 0.21 0.17
N TRP A 64 14.77 -1.05 -0.14
CA TRP A 64 15.77 -2.12 -0.05
C TRP A 64 16.79 -2.00 -1.18
N CYS A 65 16.32 -2.03 -2.42
CA CYS A 65 17.16 -1.68 -3.57
C CYS A 65 16.25 -1.19 -4.68
N GLU A 66 16.52 0.03 -5.16
CA GLU A 66 15.70 0.62 -6.20
C GLU A 66 15.86 -0.12 -7.52
N LEU A 67 17.10 -0.51 -7.84
CA LEU A 67 17.35 -1.26 -9.08
C LEU A 67 16.66 -2.61 -9.04
N GLN A 68 16.68 -3.27 -7.88
CA GLN A 68 16.01 -4.56 -7.75
C GLN A 68 14.51 -4.43 -7.96
N THR A 69 13.92 -3.35 -7.46
CA THR A 69 12.50 -3.10 -7.70
C THR A 69 12.24 -2.82 -9.17
N ALA A 70 13.15 -2.10 -9.82
CA ALA A 70 13.01 -1.82 -11.25
C ALA A 70 13.05 -3.11 -12.06
N TYR A 71 14.04 -3.97 -11.79
CA TYR A 71 14.12 -5.25 -12.48
C TYR A 71 12.89 -6.10 -12.20
N GLY A 72 12.32 -5.99 -11.00
CA GLY A 72 11.13 -6.75 -10.69
C GLY A 72 9.95 -6.40 -11.56
N LYS A 73 9.87 -5.15 -12.02
CA LYS A 73 8.80 -4.75 -12.93
C LYS A 73 9.16 -5.07 -14.37
N GLU A 74 10.44 -4.94 -14.74
CA GLU A 74 10.84 -5.19 -16.11
C GLU A 74 10.83 -6.68 -16.43
N LEU A 75 11.30 -7.51 -15.50
CA LEU A 75 11.35 -8.96 -15.68
C LEU A 75 10.51 -9.62 -14.58
N PRO A 76 9.18 -9.56 -14.69
CA PRO A 76 8.33 -10.11 -13.63
C PRO A 76 8.29 -11.62 -13.58
N GLY A 77 8.81 -12.31 -14.59
CA GLY A 77 8.78 -13.77 -14.61
C GLY A 77 9.55 -14.42 -13.49
N PHE A 78 10.37 -13.67 -12.76
CA PHE A 78 11.17 -14.23 -11.67
C PHE A 78 10.52 -13.93 -10.33
N LEU A 79 11.16 -13.12 -9.51
CA LEU A 79 10.66 -12.76 -8.19
C LEU A 79 10.46 -13.99 -7.31
N ILE A 93 0.78 -14.97 6.60
CA ILE A 93 0.58 -14.21 5.37
C ILE A 93 -0.63 -13.29 5.53
N HIS A 94 -0.49 -12.04 5.07
CA HIS A 94 -1.65 -11.14 4.95
C HIS A 94 -2.23 -11.30 3.55
N LEU A 95 -3.41 -11.90 3.47
CA LEU A 95 -3.94 -12.40 2.21
C LEU A 95 -4.53 -11.29 1.35
N ALA A 96 -5.14 -10.28 1.98
CA ALA A 96 -5.72 -9.17 1.23
C ALA A 96 -4.64 -8.33 0.57
N ARG A 97 -3.52 -8.11 1.27
CA ARG A 97 -2.41 -7.39 0.68
C ARG A 97 -1.73 -8.22 -0.41
N GLU A 98 -1.67 -9.54 -0.23
CA GLU A 98 -1.09 -10.41 -1.26
C GLU A 98 -2.00 -10.48 -2.48
N LEU A 99 -3.32 -10.54 -2.26
CA LEU A 99 -4.26 -10.54 -3.38
C LEU A 99 -4.34 -9.18 -4.06
N GLU A 100 -3.92 -8.11 -3.38
CA GLU A 100 -3.84 -6.80 -4.02
C GLU A 100 -2.57 -6.66 -4.85
N LEU A 101 -1.48 -7.30 -4.44
CA LEU A 101 -0.22 -7.20 -5.18
C LEU A 101 -0.31 -7.90 -6.53
N HIS A 102 -0.91 -9.09 -6.57
CA HIS A 102 -1.27 -9.72 -7.84
C HIS A 102 -2.55 -9.15 -8.43
N ASP A 103 -3.15 -8.18 -7.75
CA ASP A 103 -4.42 -7.54 -8.13
C ASP A 103 -5.50 -8.58 -8.48
N LEU A 104 -5.75 -9.46 -7.51
CA LEU A 104 -6.99 -10.22 -7.44
C LEU A 104 -7.94 -9.50 -6.48
N VAL A 105 -9.22 -9.88 -6.52
CA VAL A 105 -10.24 -9.17 -5.77
C VAL A 105 -11.19 -10.18 -5.10
N THR A 106 -12.04 -9.66 -4.21
CA THR A 106 -12.76 -10.48 -3.25
C THR A 106 -13.92 -11.26 -3.86
N VAL A 107 -14.62 -10.68 -4.84
CA VAL A 107 -15.76 -11.33 -5.51
C VAL A 107 -15.47 -11.28 -7.01
N PRO A 108 -15.77 -12.37 -7.80
CA PRO A 108 -15.58 -12.39 -9.26
C PRO A 108 -15.09 -11.13 -9.97
N VAL A 109 -13.99 -11.28 -10.72
CA VAL A 109 -13.13 -10.18 -11.14
C VAL A 109 -13.19 -9.94 -12.65
N THR A 110 -14.27 -9.33 -13.14
CA THR A 110 -14.29 -9.06 -14.57
C THR A 110 -13.64 -7.70 -14.87
N THR A 111 -14.33 -6.59 -14.61
CA THR A 111 -13.81 -5.28 -14.97
C THR A 111 -13.05 -4.63 -13.81
N LYS A 112 -12.26 -3.61 -14.16
CA LYS A 112 -11.52 -2.85 -13.17
C LYS A 112 -12.43 -1.93 -12.38
N GLU A 113 -13.53 -1.46 -12.99
CA GLU A 113 -14.52 -0.71 -12.24
C GLU A 113 -15.20 -1.57 -11.20
N ASP A 114 -15.36 -2.86 -11.48
CA ASP A 114 -15.92 -3.78 -10.50
C ASP A 114 -14.95 -3.99 -9.34
N ALA A 115 -13.66 -4.20 -9.65
CA ALA A 115 -12.67 -4.44 -8.60
C ALA A 115 -12.55 -3.24 -7.68
N TRP A 116 -12.54 -2.03 -8.25
CA TRP A 116 -12.48 -0.83 -7.41
C TRP A 116 -13.77 -0.63 -6.64
N ALA A 117 -14.91 -0.98 -7.24
CA ALA A 117 -16.18 -0.86 -6.54
C ALA A 117 -16.24 -1.78 -5.33
N ILE A 118 -15.65 -2.97 -5.46
CA ILE A 118 -15.58 -3.89 -4.31
C ILE A 118 -14.73 -3.28 -3.20
N LYS A 119 -13.59 -2.69 -3.57
CA LYS A 119 -12.73 -2.05 -2.59
C LYS A 119 -13.46 -0.91 -1.89
N PHE A 120 -14.27 -0.15 -2.62
CA PHE A 120 -15.01 0.94 -2.02
C PHE A 120 -16.08 0.43 -1.05
N LEU A 121 -16.75 -0.67 -1.41
CA LEU A 121 -17.74 -1.24 -0.51
C LEU A 121 -17.09 -1.76 0.77
N ASN A 122 -15.88 -2.30 0.66
CA ASN A 122 -15.16 -2.74 1.85
C ASN A 122 -14.87 -1.57 2.78
N ILE A 123 -14.43 -0.44 2.23
CA ILE A 123 -14.14 0.73 3.04
C ILE A 123 -15.40 1.21 3.75
N LEU A 124 -16.53 1.24 3.04
CA LEU A 124 -17.77 1.72 3.63
C LEU A 124 -18.23 0.86 4.80
N LEU A 125 -17.85 -0.42 4.81
CA LEU A 125 -18.17 -1.29 5.92
C LEU A 125 -17.14 -1.24 7.03
N LEU A 126 -15.86 -1.07 6.68
CA LEU A 126 -14.81 -1.06 7.70
C LEU A 126 -14.84 0.22 8.54
N ILE A 127 -15.24 1.35 7.95
CA ILE A 127 -15.24 2.61 8.70
C ILE A 127 -16.15 2.55 9.91
N PRO A 128 -17.43 2.21 9.81
CA PRO A 128 -18.24 2.13 11.03
C PRO A 128 -17.82 0.99 11.95
N THR A 129 -17.27 -0.10 11.40
CA THR A 129 -16.76 -1.17 12.25
C THR A 129 -15.63 -0.67 13.14
N LEU A 130 -14.73 0.15 12.58
CA LEU A 130 -13.65 0.71 13.39
C LEU A 130 -14.19 1.69 14.43
N GLN A 131 -15.19 2.49 14.05
CA GLN A 131 -15.70 3.53 14.94
C GLN A 131 -16.61 2.99 16.03
N SER A 132 -17.07 1.75 15.92
CA SER A 132 -17.90 1.12 16.95
C SER A 132 -17.20 -0.01 17.67
N GLU A 133 -16.61 -0.95 16.93
CA GLU A 133 -15.91 -2.06 17.56
C GLU A 133 -14.47 -1.73 17.91
N GLY A 134 -13.92 -0.64 17.40
CA GLY A 134 -12.58 -0.22 17.73
C GLY A 134 -11.46 -1.06 17.15
N HIS A 135 -11.75 -1.92 16.17
CA HIS A 135 -10.75 -2.81 15.61
C HIS A 135 -11.20 -3.29 14.24
N ILE A 136 -10.30 -3.16 13.25
CA ILE A 136 -10.55 -3.64 11.90
C ILE A 136 -9.25 -4.22 11.34
N ARG A 137 -9.39 -5.00 10.27
CA ARG A 137 -8.24 -5.58 9.57
C ARG A 137 -8.40 -5.37 8.07
N GLU A 138 -7.25 -5.24 7.39
CA GLU A 138 -7.18 -5.17 5.93
C GLU A 138 -7.98 -3.99 5.38
N PHE A 139 -7.56 -2.79 5.79
CA PHE A 139 -8.21 -1.56 5.35
C PHE A 139 -7.54 -1.04 4.09
N PRO A 140 -8.26 -0.92 2.97
CA PRO A 140 -7.62 -0.42 1.74
C PRO A 140 -7.31 1.06 1.82
N VAL A 141 -6.15 1.44 1.30
CA VAL A 141 -5.75 2.84 1.25
C VAL A 141 -5.26 3.16 -0.16
N PHE A 142 -5.46 4.42 -0.56
CA PHE A 142 -5.01 4.87 -1.88
C PHE A 142 -4.94 6.39 -1.86
N GLY A 143 -4.13 6.93 -2.77
CA GLY A 143 -3.98 8.36 -2.89
C GLY A 143 -2.83 8.77 -3.79
N GLU A 144 -2.96 9.90 -4.46
CA GLU A 144 -1.87 10.38 -5.31
C GLU A 144 -0.74 10.94 -4.46
N VAL A 145 0.47 10.43 -4.68
CA VAL A 145 1.65 10.86 -3.94
C VAL A 145 2.67 11.31 -4.97
N GLU A 146 2.94 12.62 -5.01
CA GLU A 146 3.92 13.22 -5.90
C GLU A 146 3.70 12.78 -7.35
N GLY A 147 2.45 12.92 -7.80
CA GLY A 147 2.11 12.63 -9.18
C GLY A 147 1.91 11.17 -9.52
N VAL A 148 1.96 10.28 -8.53
CA VAL A 148 1.80 8.84 -8.75
C VAL A 148 0.77 8.32 -7.75
N LEU A 149 -0.21 7.57 -8.25
CA LEU A 149 -1.21 6.97 -7.37
C LEU A 149 -0.60 5.78 -6.63
N LEU A 150 -0.67 5.82 -5.30
CA LEU A 150 -0.15 4.76 -4.44
C LEU A 150 -1.32 4.00 -3.83
N VAL A 151 -1.24 2.67 -3.84
CA VAL A 151 -2.31 1.80 -3.37
C VAL A 151 -1.73 0.82 -2.35
N GLY A 152 -2.48 0.58 -1.27
CA GLY A 152 -2.02 -0.34 -0.26
C GLY A 152 -3.15 -0.86 0.60
N VAL A 153 -2.80 -1.78 1.50
CA VAL A 153 -3.74 -2.41 2.41
C VAL A 153 -3.13 -2.38 3.81
N ILE A 154 -3.69 -1.56 4.69
CA ILE A 154 -3.25 -1.55 6.09
C ILE A 154 -3.69 -2.84 6.75
N ASP A 155 -2.77 -3.46 7.50
CA ASP A 155 -3.04 -4.79 8.05
C ASP A 155 -4.03 -4.71 9.22
N GLU A 156 -3.79 -3.81 10.17
CA GLU A 156 -4.62 -3.72 11.36
C GLU A 156 -4.68 -2.29 11.85
N LEU A 157 -5.89 -1.82 12.14
CA LEU A 157 -6.13 -0.53 12.77
C LEU A 157 -7.02 -0.75 13.98
N HIS A 158 -6.67 -0.14 15.11
CA HIS A 158 -7.46 -0.29 16.31
C HIS A 158 -7.18 0.89 17.25
N TYR A 159 -8.07 1.07 18.21
CA TYR A 159 -7.94 2.13 19.20
C TYR A 159 -7.34 1.56 20.48
N THR A 160 -6.31 2.22 20.99
CA THR A 160 -5.76 1.83 22.27
C THR A 160 -6.70 2.24 23.40
N ALA A 161 -6.44 1.71 24.60
CA ALA A 161 -7.27 2.03 25.75
C ALA A 161 -7.28 3.53 26.05
N LYS A 162 -6.27 4.27 25.60
CA LYS A 162 -6.22 5.71 25.76
C LYS A 162 -6.89 6.45 24.60
N GLY A 163 -7.56 5.72 23.71
CA GLY A 163 -8.27 6.35 22.61
C GLY A 163 -7.41 6.78 21.45
N GLU A 164 -6.19 6.24 21.33
CA GLU A 164 -5.32 6.56 20.22
C GLU A 164 -5.50 5.55 19.10
N LEU A 165 -5.55 6.05 17.86
CA LEU A 165 -5.63 5.18 16.69
C LEU A 165 -4.25 4.63 16.38
N GLU A 166 -4.11 3.31 16.42
CA GLU A 166 -2.83 2.64 16.27
C GLU A 166 -2.85 1.75 15.04
N LEU A 167 -1.82 1.89 14.20
CA LEU A 167 -1.59 0.98 13.09
C LEU A 167 -0.68 -0.16 13.57
N ALA A 168 -1.09 -1.39 13.30
CA ALA A 168 -0.33 -2.57 13.68
C ALA A 168 0.13 -3.29 12.43
N GLU A 169 1.41 -3.61 12.38
CA GLU A 169 1.99 -4.36 11.26
C GLU A 169 2.72 -5.57 11.83
N LEU A 170 2.18 -6.76 11.58
CA LEU A 170 2.75 -8.00 12.09
C LEU A 170 3.66 -8.61 11.03
N LYS A 171 4.89 -8.94 11.42
CA LYS A 171 5.86 -9.56 10.53
C LYS A 171 6.25 -10.91 11.10
N THR A 172 5.86 -11.98 10.43
CA THR A 172 6.21 -13.32 10.86
C THR A 172 7.52 -13.75 10.21
N ARG A 173 8.30 -14.52 10.96
CA ARG A 173 9.60 -15.00 10.49
C ARG A 173 9.66 -16.52 10.60
N ARG A 174 10.30 -17.14 9.62
CA ARG A 174 10.50 -18.58 9.66
C ARG A 174 11.46 -18.96 10.79
N ARG A 175 12.61 -18.29 10.86
CA ARG A 175 13.66 -18.53 11.85
C ARG A 175 13.59 -17.50 12.96
N PRO A 176 13.86 -17.90 14.20
CA PRO A 176 13.84 -16.95 15.34
C PRO A 176 15.07 -16.07 15.36
N MET A 177 15.13 -15.13 14.41
CA MET A 177 16.24 -14.21 14.28
C MET A 177 15.72 -12.77 14.35
N LEU A 178 16.53 -11.90 14.94
CA LEU A 178 16.18 -10.48 14.98
C LEU A 178 16.17 -9.92 13.57
N PRO A 179 15.27 -8.96 13.29
CA PRO A 179 15.25 -8.35 11.96
C PRO A 179 16.52 -7.54 11.71
N LEU A 180 16.99 -7.58 10.47
CA LEU A 180 18.13 -6.77 10.09
C LEU A 180 17.81 -5.29 10.18
N GLU A 181 18.86 -4.47 10.24
CA GLU A 181 18.67 -3.03 10.23
C GLU A 181 18.08 -2.57 8.89
N ALA A 182 18.50 -3.19 7.80
CA ALA A 182 17.95 -2.85 6.49
C ALA A 182 16.50 -3.28 6.36
N GLN A 183 16.11 -4.39 7.01
CA GLN A 183 14.71 -4.81 6.98
C GLN A 183 13.84 -3.85 7.79
N LYS A 184 14.36 -3.36 8.92
CA LYS A 184 13.58 -2.43 9.73
C LYS A 184 13.47 -1.06 9.06
N LYS A 185 14.53 -0.61 8.39
CA LYS A 185 14.44 0.60 7.58
C LYS A 185 13.31 0.51 6.59
N LYS A 186 13.26 -0.61 5.84
CA LYS A 186 12.22 -0.80 4.83
C LYS A 186 10.83 -0.92 5.47
N ASP A 187 10.71 -1.67 6.56
CA ASP A 187 9.41 -1.86 7.19
C ASP A 187 8.90 -0.57 7.82
N CYS A 188 9.80 0.22 8.40
CA CYS A 188 9.38 1.50 8.97
C CYS A 188 8.90 2.46 7.87
N PHE A 189 9.53 2.41 6.70
CA PHE A 189 9.07 3.23 5.58
C PHE A 189 7.71 2.78 5.08
N GLN A 190 7.44 1.48 5.11
CA GLN A 190 6.16 0.97 4.62
C GLN A 190 5.01 1.46 5.49
N VAL A 191 5.12 1.31 6.81
CA VAL A 191 4.04 1.72 7.70
C VAL A 191 3.92 3.24 7.74
N SER A 192 5.03 3.97 7.54
CA SER A 192 4.94 5.42 7.43
C SER A 192 4.18 5.83 6.19
N LEU A 193 4.32 5.06 5.11
CA LEU A 193 3.56 5.34 3.89
C LEU A 193 2.08 5.07 4.12
N TYR A 194 1.74 4.04 4.88
CA TYR A 194 0.34 3.77 5.22
C TYR A 194 -0.27 4.97 5.93
N LYS A 195 0.45 5.53 6.90
CA LYS A 195 -0.06 6.71 7.61
C LYS A 195 -0.11 7.92 6.70
N TYR A 196 0.88 8.07 5.83
CA TYR A 196 0.89 9.19 4.88
C TYR A 196 -0.36 9.18 4.02
N ILE A 197 -0.72 8.01 3.47
CA ILE A 197 -1.88 7.91 2.60
C ILE A 197 -3.17 7.99 3.40
N PHE A 198 -3.23 7.27 4.53
CA PHE A 198 -4.44 7.24 5.35
C PHE A 198 -4.80 8.65 5.84
N ASP A 199 -3.81 9.37 6.38
CA ASP A 199 -4.08 10.72 6.88
C ASP A 199 -4.65 11.59 5.78
N ALA A 200 -4.09 11.51 4.57
CA ALA A 200 -4.63 12.29 3.45
C ALA A 200 -6.04 11.86 3.12
N MET A 201 -6.35 10.56 3.25
CA MET A 201 -7.69 10.09 2.92
C MET A 201 -8.74 10.69 3.84
N VAL A 202 -8.50 10.62 5.16
CA VAL A 202 -9.50 11.10 6.12
C VAL A 202 -9.50 12.60 6.29
N GLN A 203 -8.56 13.32 5.67
CA GLN A 203 -8.51 14.78 5.75
C GLN A 203 -9.00 15.45 4.47
N GLY A 204 -9.51 14.68 3.51
CA GLY A 204 -10.09 15.26 2.31
C GLY A 204 -9.11 15.58 1.20
N LYS A 205 -7.90 15.02 1.24
CA LYS A 205 -6.90 15.30 0.22
C LYS A 205 -6.91 14.27 -0.91
N VAL A 206 -7.78 13.26 -0.85
CA VAL A 206 -7.90 12.25 -1.89
C VAL A 206 -9.33 12.30 -2.40
N THR A 207 -9.50 12.76 -3.64
CA THR A 207 -10.80 12.95 -4.25
C THR A 207 -11.09 11.86 -5.28
N PRO A 208 -12.38 11.61 -5.57
CA PRO A 208 -12.69 10.68 -6.67
C PRO A 208 -12.08 11.09 -7.99
N ALA A 209 -11.93 12.39 -8.24
CA ALA A 209 -11.34 12.86 -9.50
C ALA A 209 -9.90 12.40 -9.63
N SER A 210 -9.14 12.43 -8.54
CA SER A 210 -7.73 12.03 -8.61
C SER A 210 -7.59 10.55 -8.93
N LEU A 211 -8.48 9.71 -8.36
CA LEU A 211 -8.42 8.27 -8.67
C LEU A 211 -8.82 8.00 -10.11
N ILE A 212 -9.86 8.67 -10.60
CA ILE A 212 -10.30 8.47 -11.97
C ILE A 212 -9.19 8.87 -12.95
N HIS A 213 -8.44 9.92 -12.60
CA HIS A 213 -7.38 10.39 -13.50
C HIS A 213 -6.30 9.33 -13.70
N HIS A 214 -5.92 8.63 -12.63
CA HIS A 214 -4.85 7.66 -12.70
C HIS A 214 -5.33 6.27 -13.11
N THR A 215 -6.49 5.86 -12.62
CA THR A 215 -7.01 4.52 -12.90
C THR A 215 -7.75 4.44 -14.23
N LYS A 216 -8.15 5.57 -14.80
CA LYS A 216 -8.96 5.60 -16.01
C LYS A 216 -10.26 4.80 -15.83
N LEU A 217 -10.80 4.81 -14.62
CA LEU A 217 -12.11 4.20 -14.37
C LEU A 217 -13.17 4.89 -15.19
N CYS A 218 -14.05 4.11 -15.82
CA CYS A 218 -15.17 4.63 -16.56
C CYS A 218 -16.42 4.56 -15.69
N LEU A 219 -17.00 5.72 -15.38
CA LEU A 219 -18.22 5.78 -14.60
C LEU A 219 -19.48 5.63 -15.45
N GLU A 220 -19.35 5.57 -16.77
CA GLU A 220 -20.50 5.28 -17.62
C GLU A 220 -20.82 3.79 -17.61
N LYS A 221 -19.81 2.94 -17.57
CA LYS A 221 -20.00 1.50 -17.52
C LYS A 221 -20.72 1.12 -16.22
N PRO A 222 -21.89 0.51 -16.28
CA PRO A 222 -22.60 0.16 -15.06
C PRO A 222 -21.92 -0.99 -14.33
N LEU A 223 -22.16 -1.05 -13.02
CA LEU A 223 -21.48 -2.05 -12.21
C LEU A 223 -22.08 -3.44 -12.43
N GLY A 224 -21.21 -4.45 -12.43
CA GLY A 224 -21.63 -5.82 -12.68
C GLY A 224 -22.54 -6.36 -11.60
N PRO A 225 -23.25 -7.45 -11.92
CA PRO A 225 -24.17 -8.03 -10.92
C PRO A 225 -23.47 -8.55 -9.68
N SER A 226 -22.26 -9.08 -9.80
CA SER A 226 -21.55 -9.57 -8.62
C SER A 226 -21.21 -8.45 -7.66
N VAL A 227 -20.97 -7.24 -8.18
CA VAL A 227 -20.76 -6.09 -7.32
C VAL A 227 -22.07 -5.70 -6.63
N LEU A 228 -23.13 -5.53 -7.42
CA LEU A 228 -24.41 -5.10 -6.87
C LEU A 228 -24.99 -6.13 -5.91
N ARG A 229 -24.71 -7.42 -6.14
CA ARG A 229 -25.16 -8.45 -5.21
C ARG A 229 -24.42 -8.34 -3.88
N HIS A 230 -23.10 -8.19 -3.94
CA HIS A 230 -22.31 -8.06 -2.72
C HIS A 230 -22.76 -6.88 -1.86
N ALA A 231 -23.17 -5.79 -2.51
CA ALA A 231 -23.55 -4.59 -1.78
C ALA A 231 -24.96 -4.73 -1.19
N GLN A 232 -25.92 -5.22 -1.98
CA GLN A 232 -27.28 -5.35 -1.48
C GLN A 232 -27.36 -6.35 -0.33
N GLN A 233 -26.51 -7.38 -0.34
CA GLN A 233 -26.46 -8.31 0.78
C GLN A 233 -25.86 -7.66 2.03
N GLY A 234 -25.16 -6.55 1.88
CA GLY A 234 -24.70 -5.74 2.99
C GLY A 234 -25.63 -4.60 3.35
N GLY A 235 -26.83 -4.57 2.79
CA GLY A 235 -27.81 -3.56 3.11
C GLY A 235 -27.74 -2.28 2.30
N PHE A 236 -26.75 -2.14 1.41
CA PHE A 236 -26.55 -0.92 0.65
C PHE A 236 -26.91 -1.15 -0.81
N SER A 237 -27.49 -0.13 -1.43
CA SER A 237 -27.91 -0.20 -2.84
C SER A 237 -27.07 0.80 -3.62
N VAL A 238 -26.12 0.30 -4.41
CA VAL A 238 -25.29 1.16 -5.24
C VAL A 238 -26.05 1.53 -6.51
N LYS A 239 -26.07 2.83 -6.83
CA LYS A 239 -26.69 3.27 -8.07
C LYS A 239 -25.66 3.27 -9.21
N SER A 240 -24.57 4.01 -9.04
CA SER A 240 -23.53 4.07 -10.05
C SER A 240 -22.16 4.08 -9.35
N LEU A 241 -21.13 3.76 -10.13
CA LEU A 241 -19.77 3.84 -9.60
C LEU A 241 -19.45 5.24 -9.11
N GLY A 242 -19.96 6.25 -9.81
CA GLY A 242 -19.74 7.62 -9.39
C GLY A 242 -20.39 7.93 -8.06
N ASP A 243 -21.62 7.44 -7.85
CA ASP A 243 -22.29 7.66 -6.58
C ASP A 243 -21.59 6.92 -5.45
N LEU A 244 -21.05 5.73 -5.73
CA LEU A 244 -20.30 4.99 -4.72
C LEU A 244 -19.04 5.73 -4.31
N MET A 245 -18.29 6.24 -5.29
CA MET A 245 -17.07 6.98 -4.98
C MET A 245 -17.36 8.22 -4.15
N GLU A 246 -18.50 8.86 -4.37
CA GLU A 246 -18.82 10.07 -3.61
C GLU A 246 -19.15 9.74 -2.17
N LEU A 247 -19.83 8.62 -1.93
CA LEU A 247 -20.12 8.23 -0.55
C LEU A 247 -18.84 7.82 0.18
N VAL A 248 -17.91 7.18 -0.52
CA VAL A 248 -16.62 6.84 0.09
C VAL A 248 -15.91 8.10 0.55
N PHE A 249 -15.90 9.14 -0.29
CA PHE A 249 -15.28 10.40 0.09
C PHE A 249 -15.96 10.99 1.33
N LEU A 250 -17.29 11.00 1.34
CA LEU A 250 -18.01 11.54 2.49
C LEU A 250 -17.69 10.75 3.76
N SER A 251 -17.81 9.42 3.69
CA SER A 251 -17.58 8.59 4.87
C SER A 251 -16.13 8.71 5.34
N LEU A 252 -15.18 8.87 4.42
CA LEU A 252 -13.79 8.97 4.82
C LEU A 252 -13.52 10.26 5.59
N THR A 253 -14.23 11.35 5.27
CA THR A 253 -13.90 12.67 5.78
C THR A 253 -14.85 13.18 6.84
N LEU A 254 -16.03 12.59 6.99
CA LEU A 254 -17.04 13.14 7.90
C LEU A 254 -17.47 12.15 8.99
N SER A 255 -16.67 11.11 9.24
CA SER A 255 -16.99 10.13 10.25
C SER A 255 -16.10 10.23 11.48
N ASP A 256 -15.44 11.37 11.67
CA ASP A 256 -14.56 11.61 12.82
C ASP A 256 -13.40 10.61 12.86
N LEU A 257 -12.88 10.27 11.68
CA LEU A 257 -11.69 9.43 11.61
C LEU A 257 -10.46 10.28 11.89
N PRO A 258 -9.74 10.03 12.97
CA PRO A 258 -8.53 10.81 13.26
C PRO A 258 -7.35 10.30 12.45
N VAL A 259 -6.28 11.08 12.46
CA VAL A 259 -5.02 10.61 11.90
C VAL A 259 -4.45 9.50 12.78
N ILE A 260 -3.61 8.67 12.18
CA ILE A 260 -3.00 7.56 12.92
C ILE A 260 -2.02 8.11 13.95
N ASP A 261 -2.15 7.65 15.19
CA ASP A 261 -1.32 8.14 16.29
C ASP A 261 -0.07 7.30 16.51
N ILE A 262 -0.19 5.97 16.38
CA ILE A 262 0.89 5.05 16.68
C ILE A 262 1.14 4.18 15.44
N LEU A 263 2.40 4.06 15.06
CA LEU A 263 2.84 3.10 14.04
C LEU A 263 3.65 2.02 14.75
N LYS A 264 3.10 0.81 14.81
CA LYS A 264 3.67 -0.27 15.60
C LYS A 264 3.99 -1.45 14.69
N ILE A 265 5.26 -1.86 14.66
CA ILE A 265 5.70 -3.03 13.93
C ILE A 265 6.13 -4.09 14.94
N GLU A 266 5.68 -5.32 14.73
CA GLU A 266 5.97 -6.43 15.63
C GLU A 266 6.53 -7.60 14.82
N TYR A 267 7.64 -8.15 15.28
CA TYR A 267 8.27 -9.30 14.65
C TYR A 267 8.07 -10.52 15.53
N ILE A 268 7.62 -11.62 14.93
CA ILE A 268 7.21 -12.82 15.66
C ILE A 268 7.82 -14.03 14.98
N HIS A 269 8.37 -14.94 15.78
CA HIS A 269 8.69 -16.27 15.29
C HIS A 269 7.41 -17.09 15.24
N GLN A 270 7.11 -17.65 14.06
CA GLN A 270 5.86 -18.34 13.84
C GLN A 270 5.60 -19.44 14.88
N GLU A 271 6.43 -20.49 14.87
CA GLU A 271 6.16 -21.66 15.69
C GLU A 271 6.05 -21.32 17.17
N THR A 272 7.11 -20.73 17.74
CA THR A 272 7.15 -20.50 19.18
C THR A 272 6.35 -19.28 19.63
N ALA A 273 5.85 -18.47 18.70
CA ALA A 273 5.13 -17.24 19.02
C ALA A 273 5.98 -16.27 19.84
N THR A 274 7.29 -16.37 19.71
CA THR A 274 8.21 -15.51 20.43
C THR A 274 8.37 -14.18 19.70
N VAL A 275 8.23 -13.07 20.43
CA VAL A 275 8.38 -11.74 19.86
C VAL A 275 9.87 -11.46 19.68
N LEU A 276 10.26 -11.14 18.45
CA LEU A 276 11.65 -10.86 18.12
C LEU A 276 11.98 -9.37 18.11
N GLY A 277 11.04 -8.53 18.50
CA GLY A 277 11.25 -7.10 18.52
C GLY A 277 9.99 -6.34 18.22
N THR A 278 9.94 -5.10 18.69
CA THR A 278 8.79 -4.22 18.51
C THR A 278 9.30 -2.83 18.14
N GLU A 279 8.76 -2.27 17.07
CA GLU A 279 9.17 -0.96 16.58
C GLU A 279 7.99 0.00 16.70
N ILE A 280 8.19 1.09 17.44
CA ILE A 280 7.26 2.20 17.45
C ILE A 280 7.87 3.26 16.54
N VAL A 281 7.31 3.40 15.34
CA VAL A 281 7.94 4.20 14.30
C VAL A 281 7.80 5.68 14.63
N ALA A 282 8.93 6.39 14.63
CA ALA A 282 8.95 7.83 14.83
C ALA A 282 8.63 8.50 13.50
N PHE A 283 7.37 8.86 13.30
CA PHE A 283 6.93 9.45 12.05
C PHE A 283 7.36 10.92 11.98
N LYS A 284 8.07 11.26 10.91
CA LYS A 284 8.39 12.65 10.58
C LYS A 284 7.94 12.89 9.15
N GLU A 285 6.87 13.67 8.98
CA GLU A 285 6.25 13.78 7.66
C GLU A 285 7.16 14.47 6.65
N LYS A 286 8.02 15.38 7.09
CA LYS A 286 8.92 16.04 6.16
C LYS A 286 9.94 15.05 5.60
N GLU A 287 10.47 14.18 6.45
CA GLU A 287 11.39 13.15 5.98
C GLU A 287 10.68 12.16 5.06
N VAL A 288 9.45 11.76 5.43
CA VAL A 288 8.70 10.82 4.60
C VAL A 288 8.44 11.41 3.22
N ARG A 289 8.00 12.67 3.18
CA ARG A 289 7.70 13.31 1.90
C ARG A 289 8.97 13.45 1.05
N ALA A 290 10.09 13.78 1.68
CA ALA A 290 11.34 13.90 0.93
C ALA A 290 11.69 12.59 0.25
N LYS A 291 11.43 11.46 0.93
CA LYS A 291 11.78 10.16 0.38
C LYS A 291 10.87 9.78 -0.79
N VAL A 292 9.56 9.97 -0.64
CA VAL A 292 8.67 9.62 -1.76
C VAL A 292 8.92 10.55 -2.93
N GLN A 293 9.24 11.82 -2.67
CA GLN A 293 9.64 12.71 -3.76
C GLN A 293 10.83 12.13 -4.50
N HIS A 294 11.83 11.62 -3.78
CA HIS A 294 12.98 11.03 -4.43
C HIS A 294 12.62 9.74 -5.15
N TYR A 295 11.81 8.88 -4.54
CA TYR A 295 11.47 7.61 -5.16
C TYR A 295 10.55 7.79 -6.36
N MET A 296 9.57 8.69 -6.27
CA MET A 296 8.70 8.94 -7.41
C MET A 296 9.45 9.60 -8.56
N ALA A 297 10.55 10.28 -8.28
CA ALA A 297 11.36 10.88 -9.35
C ALA A 297 11.88 9.82 -10.31
N TYR A 298 12.16 8.61 -9.83
CA TYR A 298 12.56 7.54 -10.73
C TYR A 298 11.38 7.06 -11.57
N TRP A 299 10.25 6.78 -10.92
CA TRP A 299 9.11 6.22 -11.63
C TRP A 299 8.61 7.16 -12.72
N MET A 300 8.57 8.47 -12.43
CA MET A 300 8.15 9.43 -13.44
C MET A 300 9.21 9.69 -14.50
N GLY A 301 10.42 9.17 -14.32
CA GLY A 301 11.43 9.23 -15.36
C GLY A 301 12.41 10.39 -15.29
N HIS A 302 12.59 10.99 -14.12
CA HIS A 302 13.43 12.18 -14.00
C HIS A 302 14.87 11.86 -13.62
N ARG A 303 15.17 10.63 -13.22
CA ARG A 303 16.54 10.27 -12.86
C ARG A 303 16.72 8.77 -13.06
N GLU A 304 17.98 8.36 -13.11
CA GLU A 304 18.31 6.95 -13.30
C GLU A 304 18.15 6.16 -12.01
N PRO A 305 17.79 4.89 -12.09
CA PRO A 305 17.64 4.08 -10.88
C PRO A 305 18.98 3.81 -10.22
N GLN A 306 18.96 3.73 -8.89
CA GLN A 306 20.15 3.55 -8.08
C GLN A 306 20.19 2.15 -7.51
N GLY A 307 21.40 1.58 -7.45
CA GLY A 307 21.63 0.32 -6.78
C GLY A 307 21.92 0.53 -5.30
N VAL A 308 22.33 -0.57 -4.64
CA VAL A 308 22.60 -0.49 -3.21
C VAL A 308 23.92 0.23 -2.95
N ASP A 309 24.04 0.78 -1.75
CA ASP A 309 25.30 1.36 -1.30
C ASP A 309 26.35 0.26 -1.16
N VAL A 310 27.62 0.68 -1.17
CA VAL A 310 28.71 -0.29 -1.11
C VAL A 310 28.74 -0.99 0.24
N GLU A 311 28.28 -0.32 1.30
CA GLU A 311 28.20 -0.95 2.61
C GLU A 311 27.12 -2.03 2.67
N GLU A 312 26.22 -2.08 1.69
CA GLU A 312 25.16 -3.08 1.64
C GLU A 312 25.26 -3.94 0.39
N ALA A 313 26.47 -4.17 -0.09
CA ALA A 313 26.67 -5.05 -1.24
C ALA A 313 26.29 -6.49 -0.93
N TRP A 314 26.08 -6.83 0.35
CA TRP A 314 25.62 -8.17 0.69
C TRP A 314 24.20 -8.42 0.22
N LYS A 315 23.40 -7.37 0.00
CA LYS A 315 22.06 -7.56 -0.54
C LYS A 315 22.09 -8.25 -1.90
N CYS A 316 23.16 -8.04 -2.67
CA CYS A 316 23.28 -8.65 -3.98
C CYS A 316 23.57 -10.14 -3.93
N ARG A 317 23.98 -10.66 -2.76
CA ARG A 317 24.28 -12.09 -2.65
C ARG A 317 23.07 -12.95 -2.99
N THR A 318 21.86 -12.49 -2.66
CA THR A 318 20.64 -13.27 -2.86
C THR A 318 19.64 -12.54 -3.74
N CYS A 319 20.13 -11.66 -4.62
CA CYS A 319 19.28 -10.91 -5.53
C CYS A 319 19.17 -11.65 -6.86
N THR A 320 17.93 -11.85 -7.33
CA THR A 320 17.70 -12.64 -8.53
C THR A 320 18.44 -12.08 -9.74
N TYR A 321 18.56 -10.75 -9.82
CA TYR A 321 19.11 -10.08 -10.99
C TYR A 321 20.58 -9.72 -10.82
N ALA A 322 21.30 -10.46 -9.98
CA ALA A 322 22.71 -10.14 -9.73
C ALA A 322 23.57 -10.40 -10.96
N ASP A 323 23.18 -11.36 -11.80
CA ASP A 323 23.97 -11.73 -12.97
C ASP A 323 23.69 -10.85 -14.18
N ILE A 324 22.80 -9.86 -14.06
CA ILE A 324 22.56 -8.91 -15.14
C ILE A 324 22.68 -7.46 -14.66
N CYS A 325 22.95 -7.24 -13.39
CA CYS A 325 22.98 -5.88 -12.83
C CYS A 325 24.31 -5.22 -13.15
N GLU A 326 24.26 -4.09 -13.85
CA GLU A 326 25.47 -3.33 -14.15
C GLU A 326 25.97 -2.54 -12.95
N TRP A 327 25.10 -2.24 -11.99
CA TRP A 327 25.52 -1.59 -10.75
C TRP A 327 26.42 -2.52 -9.93
N ARG A 328 26.09 -3.82 -9.92
CA ARG A 328 26.89 -4.79 -9.18
C ARG A 328 28.33 -4.84 -9.70
N LYS A 329 28.53 -4.57 -10.99
CA LYS A 329 29.86 -4.43 -11.54
C LYS A 329 30.43 -3.07 -11.18
N GLY A 330 29.95 -2.03 -11.88
CA GLY A 330 30.35 -0.67 -11.57
C GLY A 330 29.22 0.16 -11.00
N SER A 331 29.27 0.41 -9.70
CA SER A 331 28.23 1.19 -9.02
C SER A 331 28.20 2.63 -9.52
#